data_8OHQ
#
_entry.id   8OHQ
#
_cell.length_a   46.110
_cell.length_b   70.920
_cell.length_c   78.560
_cell.angle_alpha   90.000
_cell.angle_beta   95.530
_cell.angle_gamma   90.000
#
_symmetry.space_group_name_H-M   'P 1 21 1'
#
loop_
_entity.id
_entity.type
_entity.pdbx_description
1 polymer 'Heparanase 50 kDa subunit'
2 polymer 'Heparanase 8 kDa subunit'
3 branched alpha-L-fucopyranose-(1-6)-2-acetamido-2-deoxy-beta-D-glucopyranose
4 non-polymer 2-acetamido-2-deoxy-beta-D-glucopyranose
5 non-polymer 1,2-ETHANEDIOL
6 non-polymer 'CHLORIDE ION'
7 non-polymer '(3~{S},4~{S})-4,5,5-tris(oxidanyl)piperidine-3-carboxylic acid'
8 water water
#
loop_
_entity_poly.entity_id
_entity_poly.type
_entity_poly.pdbx_seq_one_letter_code
_entity_poly.pdbx_strand_id
1 'polypeptide(L)'
;KFKNSTYSRSSVDVLYTFANCSGLDLIFGLNALLRTADLQWNSSNAQLLLDYCSSKGYNISWELGNEPNSFLKKADIFIN
GSQLGEDFIQLHKLLRKSTFKNAKLYGPDVGQPRRKTAKMLKSFLKAGGEVIDSVTWHHYYLNGRTATREDFLNPDVLDI
FISSVQKVFQVVESTRPGKKVWLGETSSAYGGGAPLLSDTFAAGFMWLDKLGLSARMGIEVVMRQVFFGAGNYHLVDENF
DPLPDYWLSLLFKKLVGTKVLMASVQGSKRRKLRVYLHCTNTDNPRYKEGDLTLYAINLHNVTKYLRLPYPFSNKQVDKY
LLRPLGPHGLLSKSVQLNGLTLKMVDDQTLPPLMEKPLRPGSSLGLPAFSYSFFVIRNAKVAACI
;
AAA
2 'polypeptide(L)' QDVVDLDFFTQEPLHLVSPSFLSVTIDANLATDPRFLILLGSPKLRTLARGLSPAYLRFGGTKTDFLIFDPKKE BBB
#
loop_
_chem_comp.id
_chem_comp.type
_chem_comp.name
_chem_comp.formula
CL non-polymer 'CHLORIDE ION' 'Cl -1'
EDO non-polymer 1,2-ETHANEDIOL 'C2 H6 O2'
FUC L-saccharide, alpha linking alpha-L-fucopyranose 'C6 H12 O5'
NAG D-saccharide, beta linking 2-acetamido-2-deoxy-beta-D-glucopyranose 'C8 H15 N O6'
VGO non-polymer '(3~{S},4~{S})-4,5,5-tris(oxidanyl)piperidine-3-carboxylic acid' 'C6 H11 N O5'
#
# COMPACT_ATOMS: atom_id res chain seq x y z
N LYS A 1 11.01 9.45 23.84
CA LYS A 1 11.97 9.38 22.70
C LYS A 1 11.65 10.48 21.68
N PHE A 2 10.38 10.58 21.26
CA PHE A 2 9.90 11.57 20.26
C PHE A 2 9.67 12.94 20.93
N LYS A 3 10.30 13.98 20.37
CA LYS A 3 10.16 15.40 20.78
C LYS A 3 9.34 16.15 19.73
N ASN A 4 8.71 17.25 20.14
CA ASN A 4 8.01 18.16 19.19
C ASN A 4 9.02 18.80 18.25
N SER A 5 8.64 18.94 16.98
CA SER A 5 9.34 19.68 15.90
C SER A 5 8.31 20.59 15.26
N THR A 6 8.75 21.69 14.67
CA THR A 6 7.87 22.56 13.84
C THR A 6 8.18 22.28 12.38
N TYR A 7 7.25 22.57 11.49
CA TYR A 7 7.48 22.52 10.03
C TYR A 7 6.94 23.81 9.44
N SER A 8 7.48 24.18 8.29
CA SER A 8 7.31 25.52 7.69
C SER A 8 6.35 25.45 6.50
N ARG A 9 5.89 26.60 5.99
CA ARG A 9 5.11 26.70 4.74
C ARG A 9 5.93 26.05 3.61
N SER A 10 7.22 26.32 3.57
CA SER A 10 8.18 25.74 2.57
C SER A 10 8.02 24.22 2.53
N SER A 11 8.05 23.56 3.69
CA SER A 11 7.92 22.08 3.85
C SER A 11 6.57 21.59 3.29
N VAL A 12 5.47 22.28 3.60
CA VAL A 12 4.12 21.97 3.09
C VAL A 12 4.15 22.08 1.57
N ASP A 13 4.78 23.14 1.03
CA ASP A 13 4.86 23.34 -0.45
C ASP A 13 5.73 22.26 -1.10
N VAL A 14 6.83 21.85 -0.48
CA VAL A 14 7.72 20.76 -0.97
C VAL A 14 6.84 19.49 -1.11
N LEU A 15 6.14 19.15 -0.05
CA LEU A 15 5.26 17.95 -0.02
C LEU A 15 4.18 18.03 -1.10
N TYR A 16 3.37 19.11 -1.15
CA TYR A 16 2.28 19.23 -2.14
C TYR A 16 2.83 19.20 -3.55
N THR A 17 3.93 19.92 -3.79
CA THR A 17 4.51 20.03 -5.17
C THR A 17 4.89 18.64 -5.66
N PHE A 18 5.55 17.89 -4.79
CA PHE A 18 5.97 16.49 -5.06
C PHE A 18 4.76 15.66 -5.49
N ALA A 19 3.69 15.66 -4.69
CA ALA A 19 2.41 14.94 -4.97
C ALA A 19 1.80 15.46 -6.28
N ASN A 20 1.58 16.76 -6.40
CA ASN A 20 0.90 17.37 -7.58
C ASN A 20 1.69 17.00 -8.84
N CYS A 21 3.01 17.21 -8.82
CA CYS A 21 3.94 16.98 -9.99
C CYS A 21 4.03 15.50 -10.32
N SER A 22 3.60 14.63 -9.42
CA SER A 22 3.79 13.17 -9.57
C SER A 22 2.45 12.48 -9.87
N GLY A 23 1.36 13.24 -9.97
CA GLY A 23 -0.03 12.77 -10.14
C GLY A 23 -0.53 11.99 -8.94
N LEU A 24 -0.04 12.31 -7.74
CA LEU A 24 -0.51 11.62 -6.50
C LEU A 24 -1.48 12.50 -5.71
N ASP A 25 -2.36 11.87 -4.95
CA ASP A 25 -3.36 12.58 -4.11
C ASP A 25 -2.85 12.61 -2.67
N LEU A 26 -2.55 13.81 -2.14
CA LEU A 26 -1.93 13.95 -0.82
C LEU A 26 -2.97 13.76 0.29
N ILE A 27 -2.63 12.90 1.23
CA ILE A 27 -3.36 12.78 2.52
C ILE A 27 -2.36 13.25 3.57
N PHE A 28 -2.75 14.21 4.41
CA PHE A 28 -1.90 14.83 5.43
C PHE A 28 -2.40 14.48 6.83
N GLY A 29 -1.54 13.86 7.63
CA GLY A 29 -1.88 13.52 9.03
C GLY A 29 -1.68 14.71 9.96
N LEU A 30 -2.75 15.13 10.62
CA LEU A 30 -2.69 16.22 11.62
C LEU A 30 -2.29 15.66 12.99
N ASN A 31 -1.74 16.54 13.82
CA ASN A 31 -1.28 16.22 15.20
C ASN A 31 -2.47 16.11 16.15
N ALA A 32 -2.75 14.92 16.69
CA ALA A 32 -3.89 14.64 17.59
C ALA A 32 -3.50 14.86 19.06
N LEU A 33 -2.22 15.08 19.32
CA LEU A 33 -1.68 15.18 20.70
C LEU A 33 -1.64 16.63 21.20
N LEU A 34 -2.18 17.57 20.43
CA LEU A 34 -2.44 18.95 20.89
C LEU A 34 -3.78 18.94 21.61
N ARG A 35 -3.75 19.12 22.93
CA ARG A 35 -4.87 18.79 23.85
C ARG A 35 -5.20 20.01 24.73
N THR A 36 -6.50 20.33 24.89
CA THR A 36 -7.00 21.37 25.84
C THR A 36 -6.87 20.84 27.27
N ALA A 37 -7.10 21.72 28.27
CA ALA A 37 -7.01 21.43 29.72
C ALA A 37 -7.72 20.11 30.06
N ASP A 38 -8.94 19.91 29.55
CA ASP A 38 -9.80 18.71 29.79
C ASP A 38 -9.64 17.64 28.70
N LEU A 39 -8.57 17.69 27.90
CA LEU A 39 -8.14 16.57 27.02
C LEU A 39 -9.07 16.41 25.81
N GLN A 40 -9.75 17.49 25.41
CA GLN A 40 -10.34 17.69 24.05
C GLN A 40 -9.22 17.99 23.06
N TRP A 41 -9.39 17.64 21.79
CA TRP A 41 -8.38 18.07 20.77
C TRP A 41 -8.38 19.60 20.66
N ASN A 42 -7.20 20.20 20.76
CA ASN A 42 -6.98 21.63 20.45
C ASN A 42 -6.71 21.78 18.94
N SER A 43 -7.69 22.35 18.22
CA SER A 43 -7.73 22.43 16.73
C SER A 43 -7.04 23.69 16.21
N SER A 44 -6.49 24.55 17.07
CA SER A 44 -5.96 25.87 16.63
C SER A 44 -4.80 25.71 15.64
N ASN A 45 -3.87 24.78 15.86
CA ASN A 45 -2.72 24.62 14.92
C ASN A 45 -3.26 24.07 13.59
N ALA A 46 -4.13 23.06 13.63
CA ALA A 46 -4.77 22.50 12.41
C ALA A 46 -5.47 23.63 11.62
N GLN A 47 -6.12 24.56 12.33
CA GLN A 47 -6.83 25.70 11.67
C GLN A 47 -5.78 26.54 10.95
N LEU A 48 -4.63 26.75 11.55
CA LEU A 48 -3.60 27.57 10.87
C LEU A 48 -3.21 26.86 9.56
N LEU A 49 -3.02 25.55 9.63
CA LEU A 49 -2.59 24.79 8.42
C LEU A 49 -3.72 24.76 7.38
N LEU A 50 -4.95 24.52 7.78
CA LEU A 50 -6.10 24.44 6.84
C LEU A 50 -6.22 25.76 6.07
N ASP A 51 -6.09 26.88 6.78
CA ASP A 51 -6.21 28.25 6.20
C ASP A 51 -5.07 28.45 5.19
N TYR A 52 -3.84 28.10 5.55
CA TYR A 52 -2.70 28.21 4.61
C TYR A 52 -2.97 27.37 3.35
N CYS A 53 -3.34 26.09 3.50
CA CYS A 53 -3.56 25.19 2.34
C CYS A 53 -4.70 25.70 1.46
N SER A 54 -5.80 26.18 2.05
CA SER A 54 -6.93 26.80 1.30
C SER A 54 -6.42 28.00 0.50
N SER A 55 -5.56 28.83 1.12
CA SER A 55 -4.98 30.08 0.56
C SER A 55 -4.09 29.79 -0.67
N LYS A 56 -3.60 28.55 -0.82
CA LYS A 56 -2.73 28.17 -1.96
C LYS A 56 -3.48 27.28 -2.95
N GLY A 57 -4.76 27.01 -2.71
CA GLY A 57 -5.61 26.16 -3.57
C GLY A 57 -5.11 24.71 -3.58
N TYR A 58 -4.59 24.23 -2.45
CA TYR A 58 -4.11 22.83 -2.30
C TYR A 58 -5.30 21.91 -2.04
N ASN A 59 -5.56 20.94 -2.92
CA ASN A 59 -6.63 19.92 -2.74
C ASN A 59 -6.02 18.80 -1.89
N ILE A 60 -6.32 18.78 -0.60
CA ILE A 60 -5.63 17.84 0.33
C ILE A 60 -6.72 17.05 1.06
N SER A 61 -6.45 15.77 1.30
CA SER A 61 -7.25 14.91 2.22
C SER A 61 -6.55 14.85 3.59
N TRP A 62 -7.33 14.55 4.64
CA TRP A 62 -6.87 14.68 6.04
C TRP A 62 -7.00 13.37 6.81
N GLU A 63 -6.08 13.18 7.74
CA GLU A 63 -6.14 12.21 8.84
C GLU A 63 -5.89 12.99 10.14
N LEU A 64 -6.24 12.40 11.27
CA LEU A 64 -5.94 13.04 12.57
C LEU A 64 -5.42 11.97 13.51
N GLY A 65 -4.16 12.07 13.86
CA GLY A 65 -3.45 11.08 14.67
C GLY A 65 -2.91 9.94 13.84
N ASN A 66 -1.92 9.29 14.43
CA ASN A 66 -1.27 8.07 13.94
C ASN A 66 -1.16 7.09 15.11
N GLU A 67 -1.67 5.87 14.95
CA GLU A 67 -1.56 4.80 15.95
C GLU A 67 -1.92 5.39 17.32
N PRO A 68 -3.17 5.86 17.49
CA PRO A 68 -3.54 6.42 18.79
C PRO A 68 -3.51 5.39 19.94
N ASN A 69 -3.58 4.09 19.63
CA ASN A 69 -3.37 2.95 20.56
C ASN A 69 -2.03 3.06 21.30
N SER A 70 -1.05 3.74 20.69
CA SER A 70 0.36 3.90 21.18
C SER A 70 0.59 5.20 21.94
N PHE A 71 -0.38 6.09 22.04
CA PHE A 71 -0.13 7.42 22.63
C PHE A 71 0.37 7.30 24.08
N LEU A 72 -0.22 6.39 24.84
CA LEU A 72 0.17 6.25 26.28
C LEU A 72 1.67 5.92 26.37
N LYS A 73 2.17 4.93 25.61
CA LYS A 73 3.60 4.54 25.55
C LYS A 73 4.48 5.67 25.00
N LYS A 74 4.03 6.37 23.96
CA LYS A 74 4.90 7.31 23.18
C LYS A 74 4.89 8.71 23.81
N ALA A 75 3.81 9.11 24.47
CA ALA A 75 3.57 10.50 24.89
C ALA A 75 3.02 10.56 26.32
N ASP A 76 2.84 9.40 26.97
CA ASP A 76 2.24 9.30 28.33
C ASP A 76 0.92 10.08 28.41
N ILE A 77 0.08 9.93 27.39
CA ILE A 77 -1.29 10.51 27.30
C ILE A 77 -2.18 9.39 26.76
N PHE A 78 -3.27 9.07 27.46
CA PHE A 78 -4.29 8.12 26.98
C PHE A 78 -5.49 8.92 26.47
N ILE A 79 -5.79 8.75 25.18
CA ILE A 79 -7.05 9.24 24.53
C ILE A 79 -7.89 8.00 24.18
N ASN A 80 -9.09 7.90 24.71
CA ASN A 80 -9.94 6.72 24.40
C ASN A 80 -10.57 6.93 23.01
N GLY A 81 -11.12 5.86 22.45
CA GLY A 81 -11.72 5.88 21.11
C GLY A 81 -12.91 6.81 21.04
N SER A 82 -13.72 6.87 22.10
CA SER A 82 -14.87 7.82 22.18
C SER A 82 -14.40 9.26 22.02
N GLN A 83 -13.40 9.66 22.78
CA GLN A 83 -12.86 11.04 22.71
C GLN A 83 -12.30 11.28 21.32
N LEU A 84 -11.53 10.30 20.80
CA LEU A 84 -10.92 10.47 19.46
C LEU A 84 -12.02 10.68 18.41
N GLY A 85 -13.13 9.96 18.48
CA GLY A 85 -14.25 10.15 17.56
C GLY A 85 -14.80 11.57 17.63
N GLU A 86 -14.92 12.12 18.84
CA GLU A 86 -15.38 13.52 19.07
C GLU A 86 -14.40 14.50 18.41
N ASP A 87 -13.10 14.25 18.53
CA ASP A 87 -12.01 15.05 17.91
C ASP A 87 -12.18 15.04 16.38
N PHE A 88 -12.49 13.88 15.79
CA PHE A 88 -12.75 13.76 14.33
C PHE A 88 -13.99 14.58 13.95
N ILE A 89 -15.04 14.53 14.75
CA ILE A 89 -16.28 15.34 14.50
C ILE A 89 -15.83 16.80 14.46
N GLN A 90 -14.98 17.23 15.40
CA GLN A 90 -14.56 18.65 15.46
C GLN A 90 -13.71 18.99 14.22
N LEU A 91 -12.79 18.11 13.79
CA LEU A 91 -12.04 18.35 12.52
C LEU A 91 -13.04 18.41 11.36
N HIS A 92 -14.03 17.52 11.30
CA HIS A 92 -14.96 17.48 10.15
C HIS A 92 -15.66 18.86 10.02
N LYS A 93 -16.06 19.46 11.14
CA LYS A 93 -16.75 20.78 11.15
C LYS A 93 -15.81 21.84 10.55
N LEU A 94 -14.52 21.82 10.90
CA LEU A 94 -13.52 22.76 10.33
C LEU A 94 -13.40 22.53 8.81
N LEU A 95 -13.39 21.28 8.34
CA LEU A 95 -13.27 21.04 6.89
C LEU A 95 -14.51 21.59 6.20
N ARG A 96 -15.68 21.39 6.79
CA ARG A 96 -16.94 21.85 6.13
C ARG A 96 -16.95 23.39 6.04
N LYS A 97 -16.22 24.11 6.88
CA LYS A 97 -16.18 25.60 6.86
C LYS A 97 -14.96 26.13 6.08
N SER A 98 -14.18 25.25 5.46
CA SER A 98 -12.99 25.61 4.66
C SER A 98 -13.40 25.73 3.19
N THR A 99 -12.49 26.18 2.34
CA THR A 99 -12.75 26.44 0.89
C THR A 99 -12.96 25.12 0.14
N PHE A 100 -12.45 24.01 0.69
CA PHE A 100 -12.67 22.64 0.14
C PHE A 100 -13.64 21.93 1.10
N LYS A 101 -14.93 22.23 0.95
CA LYS A 101 -15.96 21.84 1.97
C LYS A 101 -16.24 20.34 1.88
N ASN A 102 -15.87 19.72 0.77
CA ASN A 102 -16.11 18.28 0.51
C ASN A 102 -14.82 17.49 0.78
N ALA A 103 -13.78 18.11 1.35
CA ALA A 103 -12.50 17.42 1.65
C ALA A 103 -12.80 16.10 2.39
N LYS A 104 -12.01 15.06 2.07
CA LYS A 104 -12.10 13.70 2.65
C LYS A 104 -11.31 13.65 3.96
N LEU A 105 -11.78 12.80 4.85
CA LEU A 105 -11.25 12.61 6.21
C LEU A 105 -11.18 11.12 6.47
N TYR A 106 -9.98 10.62 6.83
CA TYR A 106 -9.74 9.19 7.01
C TYR A 106 -9.20 8.99 8.41
N GLY A 107 -9.51 7.86 9.02
CA GLY A 107 -8.97 7.54 10.33
C GLY A 107 -9.51 6.20 10.78
N PRO A 108 -9.10 5.72 11.98
CA PRO A 108 -8.18 6.45 12.83
C PRO A 108 -6.71 6.02 12.86
N ASP A 109 -6.29 5.30 11.84
CA ASP A 109 -4.87 4.87 11.66
C ASP A 109 -4.43 4.09 12.90
N VAL A 110 -5.27 3.17 13.38
CA VAL A 110 -4.95 2.25 14.50
C VAL A 110 -4.00 1.16 14.00
N GLY A 111 -3.21 0.64 14.92
CA GLY A 111 -2.41 -0.57 14.67
C GLY A 111 -3.31 -1.77 14.48
N GLN A 112 -2.70 -2.89 14.15
CA GLN A 112 -3.43 -4.11 13.80
C GLN A 112 -4.18 -4.59 15.04
N PRO A 113 -5.32 -5.28 14.84
CA PRO A 113 -6.32 -5.45 15.90
C PRO A 113 -6.09 -6.50 16.99
N ARG A 114 -5.21 -6.19 17.92
CA ARG A 114 -5.16 -6.83 19.26
C ARG A 114 -6.38 -6.39 20.11
N ARG A 115 -6.64 -7.08 21.22
CA ARG A 115 -7.76 -6.77 22.16
C ARG A 115 -7.92 -5.26 22.36
N LYS A 116 -6.88 -4.55 22.78
CA LYS A 116 -7.03 -3.11 23.17
C LYS A 116 -7.17 -2.24 21.92
N THR A 117 -6.52 -2.61 20.82
CA THR A 117 -6.69 -1.82 19.55
C THR A 117 -8.09 -2.04 18.98
N ALA A 118 -8.63 -3.26 19.02
CA ALA A 118 -10.01 -3.54 18.56
C ALA A 118 -11.03 -2.69 19.35
N LYS A 119 -10.88 -2.64 20.67
CA LYS A 119 -11.74 -1.85 21.58
C LYS A 119 -11.70 -0.36 21.18
N MET A 120 -10.51 0.18 20.94
CA MET A 120 -10.34 1.61 20.54
C MET A 120 -11.03 1.82 19.19
N LEU A 121 -10.79 0.92 18.23
CA LEU A 121 -11.41 1.07 16.90
C LEU A 121 -12.95 1.05 17.01
N LYS A 122 -13.49 0.13 17.80
CA LYS A 122 -14.95 0.00 17.98
C LYS A 122 -15.52 1.29 18.61
N SER A 123 -14.89 1.80 19.67
CA SER A 123 -15.44 2.99 20.38
C SER A 123 -15.26 4.23 19.48
N PHE A 124 -14.19 4.26 18.69
CA PHE A 124 -13.95 5.34 17.70
C PHE A 124 -15.02 5.32 16.61
N LEU A 125 -15.36 4.15 16.08
CA LEU A 125 -16.34 4.15 14.95
C LEU A 125 -17.74 4.45 15.50
N LYS A 126 -18.06 4.00 16.72
CA LYS A 126 -19.36 4.35 17.36
C LYS A 126 -19.52 5.88 17.44
N ALA A 127 -18.47 6.58 17.88
CA ALA A 127 -18.43 8.02 18.17
C ALA A 127 -18.24 8.84 16.88
N GLY A 128 -17.20 8.55 16.12
CA GLY A 128 -16.74 9.38 14.98
C GLY A 128 -16.99 8.74 13.62
N GLY A 129 -17.54 7.54 13.55
CA GLY A 129 -17.64 6.79 12.29
C GLY A 129 -18.40 7.54 11.21
N GLU A 130 -19.35 8.43 11.56
CA GLU A 130 -20.22 9.08 10.56
C GLU A 130 -19.41 10.05 9.70
N VAL A 131 -18.32 10.61 10.23
CA VAL A 131 -17.62 11.70 9.52
C VAL A 131 -16.39 11.17 8.77
N ILE A 132 -15.99 9.93 8.95
CA ILE A 132 -14.84 9.40 8.17
C ILE A 132 -15.35 8.81 6.87
N ASP A 133 -14.58 9.02 5.83
CA ASP A 133 -14.86 8.53 4.47
C ASP A 133 -14.36 7.08 4.33
N SER A 134 -13.27 6.73 5.02
CA SER A 134 -12.76 5.33 5.02
C SER A 134 -12.16 5.09 6.40
N VAL A 135 -12.20 3.86 6.85
CA VAL A 135 -11.52 3.40 8.07
C VAL A 135 -10.08 3.02 7.72
N THR A 136 -9.12 3.58 8.41
CA THR A 136 -7.68 3.27 8.19
C THR A 136 -7.14 2.44 9.36
N TRP A 137 -6.35 1.43 9.04
CA TRP A 137 -5.57 0.66 10.04
C TRP A 137 -4.24 0.26 9.44
N HIS A 138 -3.32 -0.20 10.28
CA HIS A 138 -1.93 -0.45 9.89
C HIS A 138 -1.60 -1.91 10.07
N HIS A 139 -0.66 -2.41 9.29
CA HIS A 139 -0.25 -3.83 9.47
C HIS A 139 1.22 -4.01 9.13
N TYR A 140 1.92 -4.75 9.99
CA TYR A 140 3.25 -5.29 9.72
C TYR A 140 3.25 -6.76 10.16
N TYR A 141 3.96 -7.63 9.45
CA TYR A 141 4.01 -9.06 9.82
C TYR A 141 4.90 -9.27 11.05
N LEU A 142 6.05 -8.61 11.11
CA LEU A 142 7.18 -8.99 12.01
C LEU A 142 7.86 -7.75 12.53
N ASN A 143 8.58 -7.92 13.62
CA ASN A 143 9.59 -6.97 14.12
C ASN A 143 10.80 -6.96 13.18
N GLY A 144 11.16 -5.81 12.61
CA GLY A 144 12.30 -5.75 11.68
C GLY A 144 13.61 -6.13 12.38
N ARG A 145 13.66 -5.90 13.69
CA ARG A 145 14.88 -6.21 14.47
C ARG A 145 15.19 -7.71 14.47
N THR A 146 14.18 -8.60 14.49
CA THR A 146 14.37 -10.07 14.71
C THR A 146 13.92 -10.90 13.51
N ALA A 147 13.32 -10.28 12.50
CA ALA A 147 12.79 -11.02 11.33
C ALA A 147 13.96 -11.76 10.66
N THR A 148 13.66 -12.94 10.15
CA THR A 148 14.62 -13.80 9.44
C THR A 148 14.23 -13.93 7.98
N ARG A 149 15.20 -14.36 7.18
CA ARG A 149 14.97 -14.72 5.77
C ARG A 149 13.88 -15.76 5.70
N GLU A 150 13.94 -16.76 6.59
CA GLU A 150 12.93 -17.84 6.53
C GLU A 150 11.52 -17.25 6.72
N ASP A 151 11.40 -16.28 7.59
CA ASP A 151 10.09 -15.63 7.92
C ASP A 151 9.50 -15.01 6.64
N PHE A 152 10.35 -14.37 5.83
CA PHE A 152 9.92 -13.70 4.59
C PHE A 152 9.37 -14.70 3.57
N LEU A 153 9.70 -15.99 3.71
CA LEU A 153 9.36 -17.05 2.74
C LEU A 153 8.36 -18.02 3.35
N ASN A 154 7.85 -17.76 4.56
CA ASN A 154 7.05 -18.77 5.30
C ASN A 154 5.57 -18.51 5.09
N PRO A 155 4.81 -19.43 4.42
CA PRO A 155 3.37 -19.22 4.28
C PRO A 155 2.66 -19.11 5.62
N ASP A 156 3.20 -19.67 6.70
CA ASP A 156 2.52 -19.55 8.02
C ASP A 156 2.62 -18.10 8.51
N VAL A 157 3.68 -17.39 8.14
CA VAL A 157 3.81 -15.93 8.41
C VAL A 157 2.87 -15.16 7.48
N LEU A 158 2.86 -15.43 6.18
CA LEU A 158 1.95 -14.72 5.24
C LEU A 158 0.50 -14.83 5.73
N ASP A 159 0.09 -16.04 6.15
CA ASP A 159 -1.32 -16.34 6.46
C ASP A 159 -1.79 -15.53 7.68
N ILE A 160 -0.92 -14.99 8.52
CA ILE A 160 -1.37 -14.28 9.77
C ILE A 160 -2.15 -13.01 9.37
N PHE A 161 -1.83 -12.46 8.20
CA PHE A 161 -2.52 -11.27 7.68
C PHE A 161 -4.03 -11.55 7.57
N ILE A 162 -4.45 -12.75 7.19
CA ILE A 162 -5.88 -13.08 6.92
C ILE A 162 -6.66 -12.83 8.19
N SER A 163 -6.16 -13.32 9.34
CA SER A 163 -6.89 -13.15 10.61
C SER A 163 -6.97 -11.67 11.01
N SER A 164 -5.92 -10.86 10.76
CA SER A 164 -6.00 -9.41 11.06
C SER A 164 -7.14 -8.79 10.24
N VAL A 165 -7.18 -9.07 8.94
CA VAL A 165 -8.20 -8.45 8.05
C VAL A 165 -9.59 -8.86 8.58
N GLN A 166 -9.77 -10.15 8.92
CA GLN A 166 -11.08 -10.68 9.39
C GLN A 166 -11.46 -9.93 10.65
N LYS A 167 -10.52 -9.63 11.54
CA LYS A 167 -10.86 -8.97 12.82
C LYS A 167 -11.25 -7.51 12.58
N VAL A 168 -10.58 -6.81 11.68
CA VAL A 168 -10.97 -5.40 11.40
C VAL A 168 -12.40 -5.42 10.83
N PHE A 169 -12.72 -6.27 9.86
CA PHE A 169 -14.08 -6.24 9.26
C PHE A 169 -15.11 -6.62 10.34
N GLN A 170 -14.77 -7.49 11.27
CA GLN A 170 -15.73 -7.87 12.36
C GLN A 170 -16.07 -6.63 13.19
N VAL A 171 -15.08 -5.79 13.47
CA VAL A 171 -15.36 -4.52 14.20
C VAL A 171 -16.21 -3.60 13.32
N VAL A 172 -15.78 -3.35 12.09
CA VAL A 172 -16.49 -2.39 11.19
C VAL A 172 -17.94 -2.88 10.97
N GLU A 173 -18.17 -4.17 10.75
CA GLU A 173 -19.54 -4.67 10.40
C GLU A 173 -20.47 -4.59 11.63
N SER A 174 -19.92 -4.52 12.83
CA SER A 174 -20.72 -4.45 14.07
C SER A 174 -21.01 -2.99 14.46
N THR A 175 -20.44 -1.98 13.76
CA THR A 175 -20.51 -0.54 14.15
C THR A 175 -20.91 0.37 12.98
N ARG A 176 -20.25 0.27 11.82
CA ARG A 176 -20.51 1.10 10.63
C ARG A 176 -20.54 0.22 9.41
N PRO A 177 -21.61 -0.60 9.23
CA PRO A 177 -21.66 -1.56 8.13
C PRO A 177 -21.46 -0.90 6.77
N GLY A 178 -20.61 -1.47 5.91
CA GLY A 178 -20.42 -0.99 4.52
C GLY A 178 -19.40 0.13 4.42
N LYS A 179 -18.87 0.63 5.53
CA LYS A 179 -17.85 1.70 5.45
C LYS A 179 -16.60 1.12 4.76
N LYS A 180 -15.96 1.87 3.85
CA LYS A 180 -14.76 1.36 3.14
C LYS A 180 -13.63 1.16 4.16
N VAL A 181 -12.82 0.13 3.94
CA VAL A 181 -11.67 -0.18 4.84
C VAL A 181 -10.39 -0.12 4.03
N TRP A 182 -9.47 0.71 4.49
CA TRP A 182 -8.14 0.95 3.88
C TRP A 182 -7.03 0.46 4.82
N LEU A 183 -5.97 -0.11 4.25
CA LEU A 183 -4.69 -0.22 4.96
C LEU A 183 -3.92 1.08 4.80
N GLY A 184 -3.88 1.87 5.86
CA GLY A 184 -3.38 3.25 5.92
C GLY A 184 -1.87 3.33 5.94
N GLU A 185 -1.20 2.23 6.28
CA GLU A 185 0.26 2.21 6.43
C GLU A 185 0.61 0.74 6.61
N THR A 186 1.39 0.14 5.70
CA THR A 186 1.68 -1.28 5.83
C THR A 186 3.00 -1.63 5.17
N SER A 187 3.63 -2.66 5.71
CA SER A 187 4.81 -3.27 5.05
C SER A 187 5.17 -4.58 5.72
N SER A 188 6.35 -5.07 5.36
CA SER A 188 6.89 -6.35 5.81
C SER A 188 7.09 -6.32 7.33
N ALA A 189 7.87 -5.39 7.84
CA ALA A 189 8.43 -5.45 9.21
C ALA A 189 8.55 -4.07 9.81
N TYR A 190 8.12 -3.93 11.06
CA TYR A 190 8.08 -2.61 11.74
C TYR A 190 9.48 -2.29 12.31
N GLY A 191 9.60 -1.12 12.92
CA GLY A 191 10.88 -0.55 13.38
C GLY A 191 11.77 -0.23 12.21
N GLY A 192 11.17 0.22 11.12
CA GLY A 192 11.88 0.68 9.92
C GLY A 192 12.28 -0.43 8.98
N GLY A 193 11.82 -1.68 9.15
CA GLY A 193 12.12 -2.75 8.19
C GLY A 193 13.21 -3.67 8.70
N ALA A 194 13.30 -4.84 8.13
CA ALA A 194 14.32 -5.86 8.49
C ALA A 194 15.57 -5.59 7.68
N PRO A 195 16.70 -5.25 8.33
CA PRO A 195 17.95 -5.03 7.60
C PRO A 195 18.26 -6.18 6.65
N LEU A 196 18.68 -5.78 5.45
CA LEU A 196 19.11 -6.67 4.34
C LEU A 196 17.97 -7.59 3.87
N LEU A 197 16.72 -7.41 4.32
CA LEU A 197 15.57 -8.23 3.86
C LEU A 197 14.46 -7.36 3.26
N SER A 198 14.02 -6.32 3.95
CA SER A 198 12.84 -5.51 3.54
C SER A 198 13.13 -4.73 2.25
N ASP A 199 14.39 -4.63 1.82
CA ASP A 199 14.79 -3.86 0.62
C ASP A 199 15.26 -4.80 -0.51
N THR A 200 14.88 -6.08 -0.51
CA THR A 200 15.41 -7.09 -1.45
C THR A 200 14.28 -7.75 -2.23
N PHE A 201 14.64 -8.57 -3.23
CA PHE A 201 13.68 -9.40 -3.98
C PHE A 201 12.79 -10.20 -3.01
N ALA A 202 13.36 -10.66 -1.88
CA ALA A 202 12.66 -11.55 -0.90
C ALA A 202 11.47 -10.82 -0.28
N ALA A 203 11.55 -9.51 -0.16
CA ALA A 203 10.46 -8.67 0.35
C ALA A 203 9.19 -8.78 -0.53
N GLY A 204 9.32 -9.15 -1.80
CA GLY A 204 8.22 -9.10 -2.74
C GLY A 204 7.18 -10.19 -2.46
N PHE A 205 7.54 -11.31 -1.83
CA PHE A 205 6.53 -12.35 -1.47
C PHE A 205 5.49 -11.74 -0.51
N MET A 206 5.92 -11.08 0.56
CA MET A 206 4.99 -10.43 1.49
C MET A 206 4.23 -9.31 0.77
N TRP A 207 4.90 -8.49 -0.03
CA TRP A 207 4.18 -7.36 -0.68
C TRP A 207 3.12 -7.85 -1.67
N LEU A 208 3.47 -8.77 -2.55
CA LEU A 208 2.47 -9.20 -3.57
C LEU A 208 1.38 -10.03 -2.88
N ASP A 209 1.72 -10.86 -1.90
CA ASP A 209 0.67 -11.66 -1.20
C ASP A 209 -0.31 -10.72 -0.48
N LYS A 210 0.22 -9.67 0.13
CA LYS A 210 -0.61 -8.71 0.89
C LYS A 210 -1.57 -8.01 -0.07
N LEU A 211 -1.05 -7.59 -1.23
CA LEU A 211 -1.92 -6.98 -2.27
C LEU A 211 -3.01 -7.96 -2.70
N GLY A 212 -2.64 -9.19 -2.95
CA GLY A 212 -3.59 -10.22 -3.38
C GLY A 212 -4.66 -10.45 -2.33
N LEU A 213 -4.26 -10.64 -1.08
CA LEU A 213 -5.24 -10.96 0.00
C LEU A 213 -6.10 -9.73 0.29
N SER A 214 -5.50 -8.55 0.27
CA SER A 214 -6.26 -7.33 0.55
C SER A 214 -7.36 -7.21 -0.51
N ALA A 215 -7.01 -7.35 -1.76
CA ALA A 215 -7.99 -7.15 -2.86
C ALA A 215 -9.09 -8.20 -2.72
N ARG A 216 -8.66 -9.45 -2.47
CA ARG A 216 -9.60 -10.60 -2.38
C ARG A 216 -10.57 -10.44 -1.20
N MET A 217 -10.11 -9.85 -0.10
CA MET A 217 -10.88 -9.82 1.16
C MET A 217 -11.69 -8.52 1.30
N GLY A 218 -11.59 -7.55 0.39
CA GLY A 218 -12.47 -6.37 0.45
C GLY A 218 -11.79 -5.08 0.91
N ILE A 219 -10.49 -5.09 1.14
CA ILE A 219 -9.71 -3.85 1.40
C ILE A 219 -9.64 -3.06 0.08
N GLU A 220 -10.03 -1.79 0.12
CA GLU A 220 -10.18 -0.96 -1.10
C GLU A 220 -8.88 -0.26 -1.52
N VAL A 221 -8.00 0.11 -0.58
CA VAL A 221 -6.72 0.86 -0.78
C VAL A 221 -5.69 0.33 0.20
N VAL A 222 -4.47 0.09 -0.31
CA VAL A 222 -3.31 -0.36 0.52
C VAL A 222 -2.21 0.68 0.35
N MET A 223 -1.79 1.29 1.44
CA MET A 223 -0.75 2.35 1.41
C MET A 223 0.60 1.77 1.87
N ARG A 224 1.52 1.63 0.94
CA ARG A 224 2.84 1.03 1.23
C ARG A 224 3.74 2.01 2.02
N GLN A 225 4.16 1.59 3.20
CA GLN A 225 5.28 2.18 3.96
C GLN A 225 6.59 1.60 3.40
N VAL A 226 7.45 2.39 2.74
CA VAL A 226 7.36 3.81 2.45
C VAL A 226 7.87 4.01 1.02
N PHE A 227 7.45 5.05 0.32
CA PHE A 227 7.91 5.28 -1.06
C PHE A 227 9.43 5.54 -1.03
N PHE A 228 9.86 6.39 -0.12
CA PHE A 228 11.23 6.92 0.00
C PHE A 228 11.42 7.31 1.46
N GLY A 229 12.57 6.97 2.04
CA GLY A 229 12.87 7.34 3.44
C GLY A 229 13.94 6.50 4.06
N ALA A 230 14.18 6.71 5.36
CA ALA A 230 15.29 6.10 6.12
C ALA A 230 15.04 4.60 6.30
N GLY A 231 13.79 4.14 6.33
CA GLY A 231 13.53 2.71 6.59
C GLY A 231 13.84 1.84 5.38
N ASN A 232 14.38 0.65 5.72
N ASN A 232 14.42 0.64 5.56
CA ASN A 232 14.76 -0.50 4.88
CA ASN A 232 14.79 -0.16 4.37
C ASN A 232 13.60 -0.92 3.94
C ASN A 232 13.57 -0.95 3.86
N TYR A 233 12.37 -0.67 4.35
CA TYR A 233 11.13 -1.07 3.61
C TYR A 233 10.81 -0.05 2.52
N HIS A 234 11.69 0.91 2.26
CA HIS A 234 11.47 1.90 1.19
C HIS A 234 11.39 1.21 -0.19
N LEU A 235 10.58 1.76 -1.08
CA LEU A 235 10.53 1.30 -2.49
C LEU A 235 11.73 1.85 -3.30
N VAL A 236 12.23 3.01 -2.91
CA VAL A 236 13.34 3.76 -3.56
C VAL A 236 14.39 4.08 -2.51
N ASP A 237 15.64 3.73 -2.78
CA ASP A 237 16.73 3.91 -1.80
C ASP A 237 17.19 5.39 -1.80
N GLU A 238 18.10 5.68 -0.87
CA GLU A 238 18.66 7.03 -0.57
C GLU A 238 19.39 7.61 -1.79
N ASN A 239 19.75 6.78 -2.78
CA ASN A 239 20.40 7.23 -4.04
C ASN A 239 19.37 7.40 -5.15
N PHE A 240 18.05 7.39 -4.81
CA PHE A 240 16.92 7.54 -5.75
C PHE A 240 16.94 6.36 -6.75
N ASP A 241 17.46 5.21 -6.35
CA ASP A 241 17.47 3.96 -7.17
C ASP A 241 16.29 3.09 -6.75
N PRO A 242 15.45 2.63 -7.69
CA PRO A 242 14.35 1.73 -7.34
C PRO A 242 14.80 0.32 -6.92
N LEU A 243 14.17 -0.16 -5.85
CA LEU A 243 14.41 -1.53 -5.31
C LEU A 243 13.43 -2.50 -5.95
N PRO A 244 13.63 -3.83 -5.78
CA PRO A 244 12.74 -4.81 -6.41
C PRO A 244 11.23 -4.55 -6.16
N ASP A 245 10.87 -4.20 -4.94
CA ASP A 245 9.44 -3.92 -4.61
C ASP A 245 8.91 -2.72 -5.44
N TYR A 246 9.75 -1.75 -5.82
CA TYR A 246 9.30 -0.68 -6.74
C TYR A 246 8.85 -1.32 -8.07
N TRP A 247 9.70 -2.16 -8.65
CA TRP A 247 9.45 -2.75 -9.98
C TRP A 247 8.20 -3.65 -9.89
N LEU A 248 8.10 -4.37 -8.79
CA LEU A 248 6.90 -5.24 -8.59
C LEU A 248 5.65 -4.36 -8.53
N SER A 249 5.73 -3.23 -7.82
CA SER A 249 4.63 -2.26 -7.65
C SER A 249 4.28 -1.63 -9.01
N LEU A 250 5.29 -1.34 -9.82
CA LEU A 250 5.03 -0.74 -11.17
C LEU A 250 4.31 -1.75 -12.06
N LEU A 251 4.80 -2.99 -12.12
CA LEU A 251 4.10 -4.05 -12.87
C LEU A 251 2.65 -4.24 -12.39
N PHE A 252 2.40 -4.25 -11.07
CA PHE A 252 1.06 -4.46 -10.48
C PHE A 252 0.13 -3.35 -10.96
N LYS A 253 0.68 -2.13 -10.91
CA LYS A 253 -0.01 -0.90 -11.34
C LYS A 253 -0.42 -1.00 -12.82
N LYS A 254 0.47 -1.48 -13.66
CA LYS A 254 0.27 -1.53 -15.14
C LYS A 254 -0.67 -2.67 -15.55
N LEU A 255 -0.70 -3.78 -14.81
CA LEU A 255 -1.36 -5.03 -15.29
C LEU A 255 -2.66 -5.34 -14.55
N VAL A 256 -2.80 -4.98 -13.27
CA VAL A 256 -3.87 -5.52 -12.41
C VAL A 256 -5.01 -4.52 -12.30
N GLY A 257 -6.20 -4.93 -12.71
CA GLY A 257 -7.40 -4.08 -12.76
C GLY A 257 -8.13 -3.91 -11.45
N THR A 258 -9.22 -3.15 -11.46
CA THR A 258 -10.02 -2.86 -10.25
C THR A 258 -10.95 -4.01 -9.87
N LYS A 259 -11.38 -4.82 -10.82
CA LYS A 259 -12.39 -5.87 -10.56
C LYS A 259 -11.71 -7.13 -10.09
N VAL A 260 -11.97 -7.53 -8.84
CA VAL A 260 -11.27 -8.66 -8.21
C VAL A 260 -12.06 -9.91 -8.49
N LEU A 261 -11.36 -10.97 -8.89
CA LEU A 261 -11.96 -12.29 -9.13
C LEU A 261 -11.27 -13.28 -8.17
N MET A 262 -11.32 -14.57 -8.47
CA MET A 262 -10.74 -15.58 -7.57
C MET A 262 -10.06 -16.66 -8.38
N ALA A 263 -8.92 -17.11 -7.89
CA ALA A 263 -8.23 -18.29 -8.41
C ALA A 263 -7.91 -19.20 -7.24
N SER A 264 -7.88 -20.51 -7.48
CA SER A 264 -7.44 -21.44 -6.43
C SER A 264 -6.78 -22.66 -7.09
N VAL A 265 -5.95 -23.34 -6.31
CA VAL A 265 -5.24 -24.57 -6.78
C VAL A 265 -6.01 -25.81 -6.32
N GLN A 266 -6.24 -26.75 -7.25
CA GLN A 266 -7.17 -27.91 -7.10
C GLN A 266 -6.67 -28.89 -6.03
N GLY A 267 -5.37 -28.98 -5.80
CA GLY A 267 -4.80 -29.80 -4.72
C GLY A 267 -5.28 -29.34 -3.35
N SER A 268 -5.20 -30.22 -2.35
CA SER A 268 -5.58 -29.98 -0.93
C SER A 268 -4.68 -28.91 -0.27
N LYS A 269 -3.37 -28.90 -0.55
CA LYS A 269 -2.42 -27.88 0.00
C LYS A 269 -2.56 -26.60 -0.83
N ARG A 270 -2.96 -25.51 -0.19
CA ARG A 270 -3.19 -24.18 -0.81
C ARG A 270 -2.32 -23.15 -0.07
N ARG A 271 -1.04 -23.51 0.11
CA ARG A 271 -0.12 -22.87 1.09
C ARG A 271 1.05 -22.19 0.37
N LYS A 272 1.88 -22.96 -0.34
N LYS A 272 1.88 -22.96 -0.35
CA LYS A 272 3.15 -22.42 -0.91
CA LYS A 272 3.15 -22.40 -0.90
C LYS A 272 2.91 -21.91 -2.33
C LYS A 272 2.90 -21.91 -2.34
N LEU A 273 1.83 -22.32 -2.98
CA LEU A 273 1.49 -21.79 -4.33
C LEU A 273 0.27 -20.88 -4.13
N ARG A 274 0.46 -19.58 -4.28
CA ARG A 274 -0.56 -18.55 -3.93
C ARG A 274 -0.97 -17.83 -5.22
N VAL A 275 -2.25 -17.81 -5.50
CA VAL A 275 -2.74 -17.32 -6.81
C VAL A 275 -3.89 -16.34 -6.60
N TYR A 276 -3.89 -15.32 -7.45
CA TYR A 276 -4.83 -14.18 -7.41
C TYR A 276 -5.25 -13.85 -8.84
N LEU A 277 -6.46 -13.32 -8.99
CA LEU A 277 -7.04 -13.13 -10.35
C LEU A 277 -7.92 -11.89 -10.34
N HIS A 278 -7.57 -10.94 -11.21
CA HIS A 278 -8.36 -9.73 -11.46
C HIS A 278 -8.64 -9.64 -12.97
N CYS A 279 -9.58 -8.80 -13.34
CA CYS A 279 -9.59 -8.25 -14.72
C CYS A 279 -8.30 -7.48 -14.96
N THR A 280 -7.79 -7.51 -16.19
CA THR A 280 -6.63 -6.73 -16.63
C THR A 280 -6.94 -5.24 -16.49
N ASN A 281 -5.93 -4.44 -16.15
CA ASN A 281 -6.04 -2.96 -16.08
C ASN A 281 -6.38 -2.42 -17.49
N THR A 282 -7.55 -1.81 -17.65
CA THR A 282 -8.06 -1.31 -18.96
C THR A 282 -7.10 -0.26 -19.56
N ASP A 283 -6.29 0.42 -18.74
CA ASP A 283 -5.40 1.54 -19.18
C ASP A 283 -4.13 0.97 -19.83
N ASN A 284 -3.81 -0.30 -19.65
CA ASN A 284 -2.64 -0.91 -20.32
C ASN A 284 -2.97 -0.94 -21.81
N PRO A 285 -2.16 -0.24 -22.66
CA PRO A 285 -2.50 -0.11 -24.08
C PRO A 285 -2.41 -1.47 -24.80
N ARG A 286 -1.68 -2.44 -24.24
CA ARG A 286 -1.42 -3.72 -24.94
C ARG A 286 -2.71 -4.54 -24.94
N TYR A 287 -3.63 -4.30 -24.00
CA TYR A 287 -4.69 -5.30 -23.65
C TYR A 287 -6.06 -4.69 -23.87
N LYS A 288 -7.08 -5.53 -23.82
CA LYS A 288 -8.44 -5.16 -24.25
C LYS A 288 -9.45 -5.65 -23.22
N GLU A 289 -10.66 -5.08 -23.30
CA GLU A 289 -11.72 -5.29 -22.31
C GLU A 289 -12.03 -6.79 -22.34
N GLY A 290 -12.11 -7.42 -21.17
CA GLY A 290 -12.38 -8.86 -21.07
C GLY A 290 -11.13 -9.67 -20.75
N ASP A 291 -9.93 -9.09 -20.84
CA ASP A 291 -8.66 -9.83 -20.55
C ASP A 291 -8.53 -10.01 -19.02
N LEU A 292 -7.86 -11.10 -18.61
CA LEU A 292 -7.62 -11.42 -17.19
C LEU A 292 -6.15 -11.21 -16.85
N THR A 293 -5.89 -10.80 -15.61
CA THR A 293 -4.53 -10.86 -15.07
C THR A 293 -4.50 -11.79 -13.88
N LEU A 294 -3.75 -12.88 -14.04
CA LEU A 294 -3.39 -13.83 -12.96
C LEU A 294 -2.04 -13.41 -12.38
N TYR A 295 -1.89 -13.46 -11.06
CA TYR A 295 -0.55 -13.30 -10.44
C TYR A 295 -0.38 -14.40 -9.43
N ALA A 296 0.85 -14.88 -9.33
CA ALA A 296 1.13 -16.12 -8.58
C ALA A 296 2.50 -16.03 -7.91
N ILE A 297 2.56 -16.62 -6.73
CA ILE A 297 3.76 -16.70 -5.88
C ILE A 297 4.06 -18.17 -5.71
N ASN A 298 5.33 -18.54 -5.91
CA ASN A 298 5.74 -19.92 -5.67
C ASN A 298 6.76 -19.95 -4.55
N LEU A 299 6.36 -20.44 -3.38
CA LEU A 299 7.25 -20.54 -2.22
C LEU A 299 7.77 -21.96 -2.10
N HIS A 300 7.53 -22.82 -3.08
CA HIS A 300 8.16 -24.17 -3.13
C HIS A 300 9.61 -24.02 -3.56
N ASN A 301 10.45 -25.03 -3.32
CA ASN A 301 11.87 -24.98 -3.74
C ASN A 301 12.06 -25.63 -5.10
N VAL A 302 10.96 -25.94 -5.81
CA VAL A 302 11.00 -26.42 -7.22
C VAL A 302 10.06 -25.61 -8.07
N THR A 303 10.29 -25.62 -9.37
CA THR A 303 9.39 -25.02 -10.37
C THR A 303 8.03 -25.71 -10.31
N LYS A 304 6.95 -24.94 -10.41
CA LYS A 304 5.57 -25.48 -10.57
C LYS A 304 5.07 -25.05 -11.94
N TYR A 305 4.24 -25.87 -12.56
CA TYR A 305 3.68 -25.64 -13.90
C TYR A 305 2.17 -25.50 -13.73
N LEU A 306 1.64 -24.33 -14.04
CA LEU A 306 0.19 -24.07 -13.81
C LEU A 306 -0.60 -24.31 -15.08
N ARG A 307 -1.73 -25.03 -14.97
CA ARG A 307 -2.60 -25.27 -16.14
C ARG A 307 -3.89 -24.45 -15.98
N LEU A 308 -4.17 -23.62 -16.98
CA LEU A 308 -5.37 -22.75 -17.02
C LEU A 308 -6.59 -23.61 -17.29
N PRO A 309 -7.73 -23.27 -16.67
CA PRO A 309 -8.95 -24.05 -16.86
C PRO A 309 -9.63 -23.64 -18.16
N TYR A 310 -10.53 -24.50 -18.66
CA TYR A 310 -11.48 -24.13 -19.74
C TYR A 310 -12.28 -22.92 -19.24
N PRO A 311 -12.64 -21.91 -20.07
CA PRO A 311 -12.28 -21.82 -21.48
C PRO A 311 -11.05 -20.97 -21.82
N PHE A 312 -10.05 -20.99 -20.95
CA PHE A 312 -8.84 -20.13 -21.09
C PHE A 312 -7.63 -20.98 -21.48
N SER A 313 -7.79 -22.30 -21.66
CA SER A 313 -6.64 -23.24 -21.69
C SER A 313 -5.82 -23.05 -22.97
N ASN A 314 -6.41 -22.54 -24.06
CA ASN A 314 -5.65 -22.37 -25.33
C ASN A 314 -5.40 -20.90 -25.68
N LYS A 315 -5.63 -19.96 -24.77
CA LYS A 315 -5.48 -18.52 -25.06
C LYS A 315 -4.01 -18.14 -25.13
N GLN A 316 -3.68 -17.10 -25.90
CA GLN A 316 -2.34 -16.48 -25.84
C GLN A 316 -2.21 -15.89 -24.42
N VAL A 317 -1.11 -16.19 -23.77
CA VAL A 317 -0.76 -15.67 -22.41
C VAL A 317 0.54 -14.89 -22.49
N ASP A 318 0.59 -13.70 -21.89
CA ASP A 318 1.79 -12.85 -21.74
C ASP A 318 2.32 -13.05 -20.34
N LYS A 319 3.53 -13.55 -20.22
CA LYS A 319 4.22 -13.82 -18.92
C LYS A 319 5.05 -12.60 -18.54
N TYR A 320 5.02 -12.27 -17.25
CA TYR A 320 5.85 -11.20 -16.64
C TYR A 320 6.46 -11.76 -15.38
N LEU A 321 7.54 -12.53 -15.55
CA LEU A 321 8.18 -13.32 -14.46
C LEU A 321 9.32 -12.47 -13.89
N LEU A 322 9.30 -12.27 -12.57
CA LEU A 322 10.39 -11.54 -11.86
C LEU A 322 11.30 -12.53 -11.16
N ARG A 323 12.61 -12.34 -11.38
CA ARG A 323 13.65 -13.16 -10.71
C ARG A 323 14.78 -12.24 -10.29
N PRO A 324 15.50 -12.54 -9.22
CA PRO A 324 16.59 -11.68 -8.80
C PRO A 324 17.77 -11.68 -9.80
N LEU A 325 18.49 -10.56 -9.88
CA LEU A 325 19.83 -10.50 -10.53
C LEU A 325 20.87 -10.98 -9.54
N GLY A 326 21.74 -11.86 -9.97
CA GLY A 326 22.70 -12.53 -9.08
C GLY A 326 23.77 -11.52 -8.73
N PRO A 327 24.72 -11.84 -7.84
CA PRO A 327 24.84 -13.17 -7.22
C PRO A 327 24.08 -13.44 -5.92
N HIS A 328 23.31 -12.46 -5.43
CA HIS A 328 22.77 -12.49 -4.04
C HIS A 328 21.36 -13.11 -3.99
N GLY A 329 20.90 -13.66 -5.09
CA GLY A 329 19.69 -14.50 -5.07
C GLY A 329 18.52 -13.71 -4.47
N LEU A 330 17.80 -14.30 -3.49
CA LEU A 330 16.59 -13.63 -2.94
C LEU A 330 17.00 -12.38 -2.16
N LEU A 331 18.26 -12.26 -1.75
CA LEU A 331 18.74 -11.06 -1.02
C LEU A 331 19.29 -10.02 -1.99
N SER A 332 19.02 -10.14 -3.28
CA SER A 332 19.43 -9.15 -4.30
C SER A 332 18.56 -7.89 -4.24
N LYS A 333 19.16 -6.74 -4.55
CA LYS A 333 18.47 -5.45 -4.67
C LYS A 333 18.21 -5.15 -6.14
N SER A 334 18.48 -6.09 -7.03
CA SER A 334 18.22 -5.92 -8.48
C SER A 334 17.31 -7.04 -8.98
N VAL A 335 16.48 -6.75 -9.96
CA VAL A 335 15.49 -7.74 -10.42
C VAL A 335 15.46 -7.78 -11.94
N GLN A 336 15.18 -8.96 -12.50
CA GLN A 336 15.00 -9.12 -13.95
C GLN A 336 13.57 -9.50 -14.26
N LEU A 337 13.05 -8.94 -15.35
CA LEU A 337 11.70 -9.25 -15.89
C LEU A 337 11.93 -10.09 -17.11
N ASN A 338 11.53 -11.36 -17.07
CA ASN A 338 11.71 -12.28 -18.22
C ASN A 338 13.18 -12.22 -18.68
N GLY A 339 14.11 -12.24 -17.71
CA GLY A 339 15.58 -12.32 -17.92
C GLY A 339 16.26 -10.98 -18.29
N LEU A 340 15.55 -9.85 -18.31
CA LEU A 340 16.10 -8.50 -18.62
C LEU A 340 16.14 -7.68 -17.32
N THR A 341 17.34 -7.26 -16.84
CA THR A 341 17.48 -6.42 -15.62
C THR A 341 16.62 -5.15 -15.78
N LEU A 342 15.80 -4.83 -14.77
CA LEU A 342 14.94 -3.61 -14.79
C LEU A 342 15.76 -2.44 -14.25
N LYS A 343 15.89 -1.39 -15.05
CA LYS A 343 16.74 -0.22 -14.74
C LYS A 343 16.14 0.96 -15.45
N MET A 344 16.25 2.15 -14.86
N MET A 344 16.17 2.16 -14.86
CA MET A 344 15.80 3.41 -15.51
CA MET A 344 15.62 3.36 -15.55
C MET A 344 16.53 3.54 -16.86
C MET A 344 16.50 3.68 -16.77
N VAL A 345 15.87 4.09 -17.88
CA VAL A 345 16.58 4.47 -19.15
C VAL A 345 17.43 5.71 -18.87
N ASP A 346 16.80 6.72 -18.27
CA ASP A 346 17.50 7.88 -17.67
C ASP A 346 16.62 8.41 -16.54
N ASP A 347 17.02 9.49 -15.89
CA ASP A 347 16.34 10.10 -14.71
C ASP A 347 14.89 10.49 -15.06
N GLN A 348 14.56 10.63 -16.34
CA GLN A 348 13.20 11.02 -16.77
C GLN A 348 12.43 9.85 -17.40
N THR A 349 13.02 8.66 -17.59
CA THR A 349 12.42 7.60 -18.45
C THR A 349 12.43 6.24 -17.75
N LEU A 350 11.24 5.74 -17.41
CA LEU A 350 11.06 4.32 -17.00
C LEU A 350 11.28 3.43 -18.22
N PRO A 351 11.81 2.21 -18.03
CA PRO A 351 11.99 1.29 -19.14
C PRO A 351 10.64 0.76 -19.62
N PRO A 352 10.58 0.19 -20.84
CA PRO A 352 9.38 -0.55 -21.25
C PRO A 352 9.35 -1.86 -20.45
N LEU A 353 8.16 -2.39 -20.19
CA LEU A 353 8.01 -3.64 -19.40
C LEU A 353 7.70 -4.75 -20.37
N MET A 354 8.73 -5.48 -20.81
CA MET A 354 8.58 -6.39 -21.97
C MET A 354 7.99 -7.72 -21.51
N GLU A 355 6.83 -8.07 -22.08
CA GLU A 355 6.18 -9.39 -21.90
C GLU A 355 7.00 -10.50 -22.59
N LYS A 356 6.73 -11.73 -22.20
CA LYS A 356 7.20 -12.95 -22.91
C LYS A 356 5.94 -13.67 -23.34
N PRO A 357 5.59 -13.66 -24.66
CA PRO A 357 4.44 -14.40 -25.15
C PRO A 357 4.70 -15.90 -25.00
N LEU A 358 3.78 -16.65 -24.36
CA LEU A 358 3.92 -18.11 -24.23
C LEU A 358 3.26 -18.80 -25.43
N ARG A 359 3.68 -20.02 -25.77
CA ARG A 359 2.99 -20.74 -26.88
C ARG A 359 1.61 -21.13 -26.33
N PRO A 360 0.52 -20.79 -27.06
CA PRO A 360 -0.85 -21.05 -26.59
C PRO A 360 -1.07 -22.52 -26.20
N GLY A 361 -1.73 -22.75 -25.07
CA GLY A 361 -1.96 -24.11 -24.51
C GLY A 361 -0.81 -24.60 -23.65
N SER A 362 0.30 -23.85 -23.55
CA SER A 362 1.41 -24.28 -22.66
C SER A 362 0.99 -24.03 -21.22
N SER A 363 1.53 -24.85 -20.34
CA SER A 363 1.40 -24.67 -18.89
C SER A 363 2.28 -23.47 -18.52
N LEU A 364 1.90 -22.76 -17.47
CA LEU A 364 2.58 -21.52 -17.02
C LEU A 364 3.69 -21.93 -16.04
N GLY A 365 4.96 -21.75 -16.43
CA GLY A 365 6.12 -22.09 -15.61
C GLY A 365 6.39 -21.07 -14.52
N LEU A 366 6.48 -21.50 -13.27
CA LEU A 366 6.74 -20.59 -12.15
C LEU A 366 7.89 -21.16 -11.36
N PRO A 367 9.13 -20.66 -11.57
CA PRO A 367 10.27 -21.20 -10.83
C PRO A 367 10.14 -21.11 -9.31
N ALA A 368 10.92 -21.94 -8.63
CA ALA A 368 11.08 -21.90 -7.17
C ALA A 368 11.32 -20.46 -6.71
N PHE A 369 10.70 -20.05 -5.59
CA PHE A 369 10.95 -18.73 -4.94
C PHE A 369 10.90 -17.60 -5.97
N SER A 370 9.76 -17.49 -6.65
CA SER A 370 9.55 -16.46 -7.69
C SER A 370 8.09 -16.00 -7.70
N TYR A 371 7.81 -14.93 -8.38
CA TYR A 371 6.43 -14.43 -8.57
C TYR A 371 6.32 -13.93 -10.00
N SER A 372 5.13 -14.00 -10.55
CA SER A 372 4.89 -13.69 -11.97
C SER A 372 3.48 -13.14 -12.13
N PHE A 373 3.30 -12.30 -13.15
CA PHE A 373 1.98 -11.94 -13.66
C PHE A 373 1.83 -12.69 -14.98
N PHE A 374 0.60 -13.02 -15.30
CA PHE A 374 0.21 -13.70 -16.56
C PHE A 374 -1.06 -13.01 -17.03
N VAL A 375 -0.97 -12.36 -18.21
CA VAL A 375 -2.17 -11.77 -18.85
C VAL A 375 -2.72 -12.77 -19.88
N ILE A 376 -3.99 -13.11 -19.72
CA ILE A 376 -4.73 -14.05 -20.59
C ILE A 376 -5.42 -13.18 -21.63
N ARG A 377 -4.85 -13.18 -22.85
CA ARG A 377 -5.35 -12.30 -23.93
C ARG A 377 -6.60 -12.89 -24.60
N ASN A 378 -7.50 -11.98 -25.00
CA ASN A 378 -8.79 -12.37 -25.61
C ASN A 378 -9.56 -13.32 -24.70
N ALA A 379 -9.45 -13.15 -23.37
CA ALA A 379 -10.20 -13.98 -22.41
C ALA A 379 -11.71 -13.77 -22.57
N LYS A 380 -12.14 -12.60 -23.08
CA LYS A 380 -13.57 -12.23 -23.31
C LYS A 380 -14.43 -12.54 -22.07
N VAL A 381 -13.96 -12.17 -20.88
CA VAL A 381 -14.73 -12.39 -19.62
C VAL A 381 -15.76 -11.28 -19.51
N ALA A 382 -17.03 -11.62 -19.50
CA ALA A 382 -18.15 -10.63 -19.49
C ALA A 382 -18.07 -9.74 -18.26
N ALA A 383 -17.74 -10.29 -17.09
CA ALA A 383 -17.59 -9.57 -15.82
C ALA A 383 -16.56 -8.45 -15.93
N CYS A 384 -15.62 -8.54 -16.88
CA CYS A 384 -14.49 -7.58 -17.04
C CYS A 384 -14.83 -6.51 -18.08
N ILE A 385 -15.96 -6.65 -18.79
CA ILE A 385 -16.36 -5.68 -19.85
C ILE A 385 -17.41 -4.75 -19.24
N GLN B 1 5.18 -34.99 -8.89
CA GLN B 1 4.53 -34.31 -10.06
C GLN B 1 4.38 -32.82 -9.72
N ASP B 2 4.80 -31.93 -10.63
CA ASP B 2 4.91 -30.47 -10.32
C ASP B 2 3.91 -29.67 -11.18
N VAL B 3 2.87 -30.32 -11.70
CA VAL B 3 1.83 -29.69 -12.55
C VAL B 3 0.60 -29.47 -11.69
N VAL B 4 0.01 -28.28 -11.77
CA VAL B 4 -1.07 -27.85 -10.86
C VAL B 4 -2.19 -27.28 -11.72
N ASP B 5 -3.41 -27.76 -11.49
CA ASP B 5 -4.59 -27.22 -12.21
C ASP B 5 -5.13 -26.03 -11.42
N LEU B 6 -5.43 -24.91 -12.09
CA LEU B 6 -6.08 -23.75 -11.44
C LEU B 6 -7.58 -23.82 -11.70
N ASP B 7 -8.37 -23.36 -10.75
CA ASP B 7 -9.82 -23.06 -10.86
C ASP B 7 -10.02 -21.55 -10.78
N PHE B 8 -10.83 -21.01 -11.67
CA PHE B 8 -11.08 -19.55 -11.80
C PHE B 8 -12.56 -19.28 -11.56
N PHE B 9 -12.85 -18.32 -10.69
CA PHE B 9 -14.23 -17.76 -10.57
C PHE B 9 -14.23 -16.47 -11.36
N THR B 10 -15.07 -16.41 -12.40
CA THR B 10 -15.09 -15.25 -13.35
C THR B 10 -16.51 -14.71 -13.62
N GLN B 11 -17.52 -15.25 -12.93
N GLN B 11 -17.54 -15.17 -12.92
CA GLN B 11 -18.96 -14.90 -13.13
CA GLN B 11 -18.93 -14.81 -13.36
C GLN B 11 -19.15 -13.38 -12.99
C GLN B 11 -19.32 -13.39 -12.89
N GLU B 12 -18.66 -12.82 -11.89
CA GLU B 12 -18.87 -11.40 -11.53
C GLU B 12 -17.74 -10.94 -10.63
N PRO B 13 -17.48 -9.63 -10.58
CA PRO B 13 -16.46 -9.12 -9.66
C PRO B 13 -16.89 -9.42 -8.24
N LEU B 14 -15.99 -9.95 -7.43
CA LEU B 14 -16.24 -10.24 -6.02
C LEU B 14 -16.00 -9.00 -5.20
N HIS B 15 -15.09 -8.14 -5.66
CA HIS B 15 -14.86 -6.81 -5.08
C HIS B 15 -14.36 -5.88 -6.17
N LEU B 16 -14.48 -4.59 -5.90
CA LEU B 16 -13.97 -3.51 -6.75
C LEU B 16 -12.95 -2.74 -5.87
N VAL B 17 -11.68 -2.71 -6.26
CA VAL B 17 -10.68 -1.90 -5.54
C VAL B 17 -10.66 -0.51 -6.18
N SER B 18 -10.11 0.44 -5.47
CA SER B 18 -9.90 1.81 -6.00
C SER B 18 -8.94 1.72 -7.17
N PRO B 19 -9.00 2.62 -8.18
CA PRO B 19 -7.91 2.76 -9.14
C PRO B 19 -6.58 3.06 -8.44
N SER B 20 -6.64 3.63 -7.24
CA SER B 20 -5.45 3.95 -6.42
C SER B 20 -5.16 2.83 -5.38
N PHE B 21 -5.66 1.62 -5.63
CA PHE B 21 -5.53 0.48 -4.71
C PHE B 21 -4.10 0.37 -4.18
N LEU B 22 -3.09 0.39 -5.06
CA LEU B 22 -1.69 0.39 -4.62
C LEU B 22 -1.26 1.83 -4.45
N SER B 23 -1.22 2.27 -3.18
CA SER B 23 -0.81 3.63 -2.80
C SER B 23 0.46 3.55 -1.95
N VAL B 24 1.01 4.70 -1.60
CA VAL B 24 2.33 4.79 -0.91
C VAL B 24 2.29 5.86 0.19
N THR B 25 3.27 5.80 1.07
CA THR B 25 3.43 6.80 2.12
C THR B 25 4.77 7.51 1.94
N ILE B 26 4.85 8.64 2.61
CA ILE B 26 6.11 9.30 3.03
C ILE B 26 6.01 9.44 4.55
N ASP B 27 7.01 8.97 5.29
CA ASP B 27 6.99 9.08 6.76
C ASP B 27 7.06 10.56 7.17
N ALA B 28 6.17 10.98 8.06
CA ALA B 28 6.16 12.36 8.60
C ALA B 28 7.56 12.71 9.13
N ASN B 29 8.36 11.74 9.53
CA ASN B 29 9.71 12.02 10.08
C ASN B 29 10.64 12.59 9.00
N LEU B 30 10.38 12.35 7.73
CA LEU B 30 11.25 12.86 6.64
C LEU B 30 11.25 14.40 6.65
N ALA B 31 10.17 15.03 7.08
CA ALA B 31 10.07 16.51 7.09
C ALA B 31 11.06 17.08 8.13
N THR B 32 11.64 16.26 9.02
CA THR B 32 12.69 16.71 9.99
C THR B 32 14.08 16.61 9.35
N ASP B 33 14.20 16.07 8.13
CA ASP B 33 15.50 15.98 7.41
C ASP B 33 15.82 17.36 6.84
N PRO B 34 17.04 17.90 7.13
CA PRO B 34 17.48 19.20 6.60
C PRO B 34 17.40 19.34 5.08
N ARG B 35 17.47 18.22 4.38
CA ARG B 35 17.55 18.15 2.89
C ARG B 35 16.17 17.79 2.31
N PHE B 36 15.11 17.88 3.11
CA PHE B 36 13.72 17.55 2.68
C PHE B 36 13.44 18.21 1.32
N LEU B 37 13.83 19.47 1.14
CA LEU B 37 13.52 20.18 -0.13
C LEU B 37 14.28 19.52 -1.28
N ILE B 38 15.55 19.16 -1.07
CA ILE B 38 16.37 18.51 -2.14
C ILE B 38 15.73 17.15 -2.50
N LEU B 39 15.36 16.39 -1.48
CA LEU B 39 14.93 14.97 -1.63
C LEU B 39 13.65 14.90 -2.47
N LEU B 40 12.61 15.62 -2.08
CA LEU B 40 11.30 15.61 -2.75
C LEU B 40 11.35 16.49 -4.01
N GLY B 41 12.37 17.33 -4.18
CA GLY B 41 12.52 18.07 -5.45
C GLY B 41 13.23 17.26 -6.53
N SER B 42 13.79 16.09 -6.19
CA SER B 42 14.57 15.22 -7.11
C SER B 42 13.73 14.88 -8.35
N PRO B 43 14.16 15.27 -9.57
CA PRO B 43 13.44 14.86 -10.78
C PRO B 43 13.37 13.33 -10.96
N LYS B 44 14.44 12.63 -10.60
CA LYS B 44 14.52 11.14 -10.65
C LYS B 44 13.39 10.55 -9.77
N LEU B 45 13.21 11.08 -8.58
CA LEU B 45 12.22 10.52 -7.62
C LEU B 45 10.82 10.79 -8.13
N ARG B 46 10.59 11.96 -8.73
CA ARG B 46 9.25 12.32 -9.21
C ARG B 46 8.88 11.43 -10.38
N THR B 47 9.84 11.06 -11.25
CA THR B 47 9.62 10.15 -12.39
C THR B 47 9.14 8.80 -11.83
N LEU B 48 9.84 8.29 -10.83
CA LEU B 48 9.48 7.00 -10.18
C LEU B 48 8.09 7.14 -9.54
N ALA B 49 7.82 8.24 -8.84
CA ALA B 49 6.49 8.45 -8.22
C ALA B 49 5.40 8.52 -9.28
N ARG B 50 5.64 9.14 -10.45
CA ARG B 50 4.64 9.22 -11.55
C ARG B 50 4.27 7.82 -12.07
N GLY B 51 5.24 6.90 -12.08
CA GLY B 51 4.97 5.51 -12.54
C GLY B 51 3.86 4.85 -11.71
N LEU B 52 3.65 5.29 -10.46
CA LEU B 52 2.64 4.62 -9.60
C LEU B 52 1.32 5.39 -9.62
N SER B 53 1.24 6.53 -10.31
CA SER B 53 -0.03 7.26 -10.48
C SER B 53 -1.02 6.39 -11.24
N PRO B 54 -2.35 6.35 -10.92
CA PRO B 54 -2.94 7.10 -9.82
C PRO B 54 -2.70 6.38 -8.49
N ALA B 55 -2.50 7.18 -7.45
CA ALA B 55 -2.26 6.66 -6.10
C ALA B 55 -2.45 7.77 -5.09
N TYR B 56 -2.82 7.39 -3.87
CA TYR B 56 -2.64 8.27 -2.71
C TYR B 56 -1.18 8.29 -2.27
N LEU B 57 -0.77 9.46 -1.77
CA LEU B 57 0.48 9.67 -1.02
C LEU B 57 0.08 10.10 0.40
N ARG B 58 0.23 9.19 1.36
CA ARG B 58 -0.11 9.52 2.76
C ARG B 58 1.16 10.01 3.48
N PHE B 59 1.12 11.25 3.96
CA PHE B 59 2.20 11.84 4.76
C PHE B 59 1.81 11.65 6.22
N GLY B 60 2.50 10.72 6.90
CA GLY B 60 2.12 10.37 8.26
C GLY B 60 3.09 9.40 8.87
N GLY B 61 2.94 9.15 10.14
CA GLY B 61 3.88 8.25 10.83
C GLY B 61 3.88 8.63 12.29
N THR B 62 4.70 7.98 13.11
CA THR B 62 4.75 8.30 14.56
C THR B 62 4.92 9.82 14.74
N LYS B 63 5.79 10.44 13.93
CA LYS B 63 6.10 11.90 14.04
C LYS B 63 4.86 12.75 13.76
N THR B 64 3.79 12.21 13.17
CA THR B 64 2.52 12.97 12.93
C THR B 64 2.10 13.70 14.21
N ASP B 65 2.25 13.04 15.37
CA ASP B 65 1.72 13.55 16.66
C ASP B 65 2.79 14.34 17.43
N PHE B 66 3.91 14.70 16.79
CA PHE B 66 5.03 15.48 17.36
C PHE B 66 5.46 16.57 16.39
N LEU B 67 4.56 16.93 15.46
CA LEU B 67 4.81 18.00 14.44
C LEU B 67 3.81 19.13 14.64
N ILE B 68 4.34 20.35 14.62
CA ILE B 68 3.50 21.59 14.81
C ILE B 68 3.77 22.52 13.64
N PHE B 69 2.70 23.02 13.01
CA PHE B 69 2.80 24.01 11.91
C PHE B 69 3.27 25.32 12.54
N ASP B 70 4.34 25.89 12.01
CA ASP B 70 4.82 27.25 12.38
C ASP B 70 4.83 28.12 11.13
N PRO B 71 3.79 28.95 10.89
CA PRO B 71 3.72 29.80 9.69
C PRO B 71 4.75 30.95 9.63
N LYS B 72 5.54 31.16 10.69
CA LYS B 72 6.64 32.18 10.71
C LYS B 72 7.92 31.59 10.10
N LYS B 73 8.18 30.29 10.32
CA LYS B 73 9.50 29.63 10.06
C LYS B 73 9.87 29.72 8.56
N GLU B 74 11.17 29.72 8.25
CA GLU B 74 11.71 29.88 6.87
C GLU B 74 12.20 28.54 6.33
C1 NAG C . 12.46 -28.70 -0.58
C2 NAG C . 13.60 -29.22 0.29
C3 NAG C . 13.26 -30.36 1.26
C4 NAG C . 11.83 -30.31 1.78
C5 NAG C . 10.88 -29.99 0.62
C6 NAG C . 9.41 -30.09 0.99
C7 NAG C . 15.65 -28.79 -0.92
C8 NAG C . 16.46 -29.10 -2.14
N2 NAG C . 14.60 -29.58 -0.70
O3 NAG C . 14.07 -30.33 2.44
O4 NAG C . 11.50 -31.54 2.45
O5 NAG C . 11.24 -28.66 0.19
O6 NAG C . 8.57 -29.62 -0.09
O7 NAG C . 15.91 -27.84 -0.19
C1 FUC C . 8.10 -30.70 -0.94
C2 FUC C . 6.98 -30.18 -1.84
C3 FUC C . 7.56 -29.36 -2.99
C4 FUC C . 8.77 -30.06 -3.64
C5 FUC C . 9.77 -30.68 -2.66
C6 FUC C . 10.73 -31.58 -3.43
O2 FUC C . 6.07 -29.38 -1.06
O3 FUC C . 6.60 -29.14 -4.03
O4 FUC C . 8.24 -31.07 -4.52
O5 FUC C . 9.15 -31.44 -1.59
C1 NAG D . 4.43 18.81 22.44
C2 NAG D . 4.81 18.17 23.78
C3 NAG D . 3.56 17.75 24.57
C4 NAG D . 2.48 18.83 24.60
C5 NAG D . 2.29 19.45 23.19
C6 NAG D . 1.34 20.65 23.25
C7 NAG D . 6.92 16.97 24.05
C8 NAG D . 7.45 15.61 24.40
N2 NAG D . 5.66 16.99 23.63
O3 NAG D . 3.92 17.43 25.94
O4 NAG D . 1.26 18.28 25.12
O5 NAG D . 3.53 19.90 22.66
O6 NAG D . 1.52 21.55 22.11
O7 NAG D . 7.56 18.00 24.26
C1 NAG E . -4.83 25.78 22.00
C2 NAG E . -5.31 26.56 23.23
C3 NAG E . -5.03 28.07 23.06
C4 NAG E . -3.58 28.30 22.65
C5 NAG E . -3.23 27.44 21.43
C6 NAG E . -1.76 27.62 20.98
C7 NAG E . -7.22 25.73 24.56
C8 NAG E . -8.71 25.64 24.63
N2 NAG E . -6.75 26.34 23.46
O3 NAG E . -5.26 28.76 24.29
O4 NAG E . -3.39 29.70 22.35
O5 NAG E . -3.46 26.06 21.75
O6 NAG E . -0.86 26.81 21.76
O7 NAG E . -6.50 25.29 25.46
C1 NAG F . -10.12 17.20 -5.03
C2 NAG F . -11.37 17.70 -5.76
C3 NAG F . -12.41 16.59 -5.98
C4 NAG F . -11.72 15.51 -6.83
C5 NAG F . -10.56 15.01 -5.97
C6 NAG F . -9.80 13.85 -6.60
C7 NAG F . -11.79 20.01 -5.69
C8 NAG F . -12.78 21.08 -5.36
N2 NAG F . -11.94 18.83 -5.10
O3 NAG F . -13.62 17.12 -6.56
O4 NAG F . -12.56 14.42 -7.22
O5 NAG F . -9.63 16.07 -5.77
O6 NAG F . -8.88 13.37 -5.59
O7 NAG F . -10.93 20.21 -6.55
C1 NAG G . -13.08 8.85 27.36
C2 NAG G . -13.93 8.54 28.58
C3 NAG G . -14.75 9.79 29.02
C4 NAG G . -13.80 10.99 29.16
C5 NAG G . -13.03 11.14 27.86
C6 NAG G . -12.10 12.34 27.86
C7 NAG G . -14.46 6.20 28.78
C8 NAG G . -15.44 5.10 28.55
N2 NAG G . -14.77 7.40 28.27
O3 NAG G . -15.45 9.52 30.25
O4 NAG G . -14.49 12.23 29.45
O5 NAG G . -12.25 9.97 27.68
O6 NAG G . -11.16 12.26 28.95
O7 NAG G . -13.44 6.00 29.41
C1 EDO H . -8.44 -0.93 -14.05
O1 EDO H . -9.48 -1.77 -14.57
C2 EDO H . -8.84 0.46 -13.84
O2 EDO H . -7.81 1.41 -14.09
CL CL I . 0.30 -2.40 13.37
CL CL J . 11.90 8.67 6.76
CL CL K . -10.30 2.98 23.84
C4 VGO L . 4.55 4.54 12.27
C5 VGO L . 5.73 4.76 11.31
C6 VGO L . 6.87 3.74 11.53
N1 VGO L . 4.14 3.13 12.29
C3 VGO L . 5.23 2.18 12.53
O1 VGO L . 8.39 1.27 10.97
C1 VGO L . 7.53 1.33 11.78
O2 VGO L . 7.53 0.68 12.82
C2 VGO L . 6.35 2.30 11.51
O3 VGO L . 5.36 4.60 9.96
O4 VGO L . 6.28 6.03 11.54
O5 VGO L . 7.50 3.97 12.79
C1 EDO M . -17.10 -14.78 -1.90
O1 EDO M . -18.34 -14.27 -1.47
C2 EDO M . -15.95 -13.85 -1.94
O2 EDO M . -16.04 -12.43 -1.93
C1 EDO N . 9.03 17.55 -12.54
O1 EDO N . 7.85 17.49 -11.76
C2 EDO N . 10.20 17.25 -11.71
O2 EDO N . 11.26 16.62 -12.38
#